data_4QVK
#
_entry.id   4QVK
#
_cell.length_a   73.384
_cell.length_b   79.719
_cell.length_c   84.393
_cell.angle_alpha   90.00
_cell.angle_beta   90.00
_cell.angle_gamma   90.00
#
_symmetry.space_group_name_H-M   'P 21 21 21'
#
loop_
_entity.id
_entity.type
_entity.pdbx_description
1 polymer 'PaMTH1 Methyltransferase'
2 non-polymer 1,2-ETHANEDIOL
3 water water
#
_entity_poly.entity_id   1
_entity_poly.type   'polypeptide(L)'
_entity_poly.pdbx_seq_one_letter_code
;GHMLGSILPFNEETADRVSAYCEKNSHGIPDALVEHWEWTRTRFPDADKMSSRLQGSWMIFTARDRKPKRILEIGCYSGY
SALAWYEGTRDTKAEIVTLEYSPKMIAASREAFKKYGVGDRVKLIEGPAENTLKTLEGEFDLIFVDANKDGYAGYVKTIL
DQGLLSANGIILCDNVFARGLTIGPDCAPWLNDHVRPYWNGCGQALDKFSAGLMEDPRIDVLLLPVFDGVTQIRWKDGAQ
RA
;
_entity_poly.pdbx_strand_id   A,B
#
# COMPACT_ATOMS: atom_id res chain seq x y z
N LEU A 4 7.52 18.68 -0.22
CA LEU A 4 7.60 17.95 -1.49
C LEU A 4 6.74 16.69 -1.44
N GLY A 5 6.50 16.11 -2.61
CA GLY A 5 5.44 15.11 -2.77
C GLY A 5 5.77 13.64 -2.72
N SER A 6 4.72 12.83 -2.66
CA SER A 6 4.84 11.39 -2.55
C SER A 6 4.30 10.66 -3.77
N ILE A 7 4.04 11.40 -4.83
CA ILE A 7 3.45 10.82 -6.03
C ILE A 7 4.31 11.10 -7.25
N LEU A 8 4.66 10.09 -8.01
CA LEU A 8 5.37 10.32 -9.27
C LEU A 8 4.39 10.79 -10.36
N PRO A 9 4.71 11.90 -11.04
CA PRO A 9 3.86 12.36 -12.14
C PRO A 9 4.09 11.52 -13.41
N PHE A 10 3.03 11.02 -14.01
CA PHE A 10 3.10 10.25 -15.26
C PHE A 10 2.04 10.79 -16.22
N ASN A 11 2.30 10.80 -17.53
CA ASN A 11 1.20 11.07 -18.48
C ASN A 11 0.38 9.77 -18.63
N GLU A 12 -0.67 9.79 -19.44
CA GLU A 12 -1.55 8.62 -19.48
C GLU A 12 -0.82 7.41 -20.02
N GLU A 13 -0.14 7.59 -21.14
CA GLU A 13 0.56 6.48 -21.79
C GLU A 13 1.54 5.85 -20.81
N THR A 14 2.29 6.70 -20.12
CA THR A 14 3.34 6.17 -19.26
C THR A 14 2.78 5.55 -17.97
N ALA A 15 1.71 6.12 -17.43
CA ALA A 15 1.06 5.55 -16.26
C ALA A 15 0.64 4.13 -16.63
N ASP A 16 -0.05 4.00 -17.76
CA ASP A 16 -0.44 2.68 -18.21
C ASP A 16 0.76 1.73 -18.38
N ARG A 17 1.84 2.24 -18.93
CA ARG A 17 3.01 1.39 -19.13
C ARG A 17 3.62 0.91 -17.78
N VAL A 18 3.71 1.83 -16.82
CA VAL A 18 4.20 1.47 -15.50
C VAL A 18 3.25 0.47 -14.81
N SER A 19 1.92 0.57 -15.02
CA SER A 19 1.02 -0.43 -14.49
C SER A 19 1.36 -1.81 -15.00
N ALA A 20 1.61 -1.90 -16.31
CA ALA A 20 1.86 -3.19 -16.94
C ALA A 20 3.20 -3.73 -16.39
N TYR A 21 4.12 -2.82 -16.06
CA TYR A 21 5.41 -3.23 -15.52
C TYR A 21 5.22 -3.87 -14.14
N CYS A 22 4.36 -3.27 -13.33
CA CYS A 22 4.01 -3.83 -12.02
C CYS A 22 3.38 -5.21 -12.16
N GLU A 23 2.48 -5.37 -13.12
CA GLU A 23 1.87 -6.67 -13.34
C GLU A 23 2.91 -7.69 -13.77
N LYS A 24 3.81 -7.30 -14.66
CA LYS A 24 4.83 -8.25 -15.15
C LYS A 24 5.69 -8.71 -13.98
N ASN A 25 5.95 -7.81 -13.06
CA ASN A 25 6.88 -8.05 -11.95
C ASN A 25 6.21 -8.25 -10.60
N SER A 26 4.97 -8.75 -10.66
CA SER A 26 4.20 -9.19 -9.50
C SER A 26 3.61 -10.53 -9.89
N HIS A 27 3.51 -11.46 -8.94
CA HIS A 27 2.77 -12.69 -9.23
C HIS A 27 1.33 -12.38 -9.62
N GLY A 28 0.82 -13.13 -10.60
CA GLY A 28 -0.46 -12.79 -11.18
C GLY A 28 -1.55 -13.48 -10.40
N ILE A 29 -2.80 -13.20 -10.77
CA ILE A 29 -3.96 -13.88 -10.21
C ILE A 29 -4.16 -15.26 -10.86
N PRO A 30 -4.87 -16.19 -10.17
CA PRO A 30 -5.11 -17.53 -10.74
C PRO A 30 -5.80 -17.45 -12.09
N ASP A 31 -5.60 -18.47 -12.94
CA ASP A 31 -6.25 -18.49 -14.26
C ASP A 31 -7.76 -18.28 -14.20
N ALA A 32 -8.43 -18.96 -13.27
CA ALA A 32 -9.89 -18.85 -13.10
C ALA A 32 -10.34 -17.41 -12.79
N LEU A 33 -9.49 -16.61 -12.16
CA LEU A 33 -9.89 -15.25 -11.83
C LEU A 33 -9.63 -14.33 -13.03
N VAL A 34 -8.59 -14.62 -13.80
CA VAL A 34 -8.36 -13.92 -15.05
C VAL A 34 -9.57 -14.10 -15.99
N GLU A 35 -10.03 -15.34 -16.08
CA GLU A 35 -11.14 -15.64 -16.97
C GLU A 35 -12.37 -14.86 -16.51
N HIS A 36 -12.59 -14.82 -15.21
CA HIS A 36 -13.68 -14.03 -14.65
C HIS A 36 -13.56 -12.54 -14.97
N TRP A 37 -12.35 -12.01 -14.79
CA TRP A 37 -12.05 -10.61 -15.09
C TRP A 37 -12.34 -10.27 -16.57
N GLU A 38 -11.82 -11.09 -17.49
CA GLU A 38 -12.04 -10.88 -18.93
C GLU A 38 -13.53 -10.93 -19.29
N TRP A 39 -14.21 -11.94 -18.73
CA TRP A 39 -15.63 -12.08 -18.91
C TRP A 39 -16.37 -10.83 -18.41
N THR A 40 -16.08 -10.38 -17.19
CA THR A 40 -16.71 -9.17 -16.66
C THR A 40 -16.52 -7.97 -17.59
N ARG A 41 -15.31 -7.83 -18.11
CA ARG A 41 -15.01 -6.75 -19.03
C ARG A 41 -15.83 -6.87 -20.32
N THR A 42 -15.98 -8.11 -20.83
CA THR A 42 -16.79 -8.36 -22.02
C THR A 42 -18.28 -8.12 -21.78
N ARG A 43 -18.77 -8.54 -20.63
CA ARG A 43 -20.21 -8.53 -20.37
C ARG A 43 -20.73 -7.16 -19.93
N PHE A 44 -19.94 -6.40 -19.19
CA PHE A 44 -20.47 -5.18 -18.58
C PHE A 44 -19.96 -3.88 -19.18
N PRO A 45 -20.90 -2.96 -19.45
CA PRO A 45 -20.62 -1.60 -19.93
C PRO A 45 -19.94 -0.78 -18.84
N ASP A 46 -20.41 -0.96 -17.60
CA ASP A 46 -19.86 -0.28 -16.44
C ASP A 46 -18.66 -1.01 -15.81
N ALA A 47 -17.92 -1.75 -16.63
CA ALA A 47 -16.80 -2.59 -16.17
C ALA A 47 -15.63 -1.78 -15.61
N ASP A 48 -15.74 -0.46 -15.73
CA ASP A 48 -14.85 0.53 -15.15
C ASP A 48 -14.81 0.45 -13.61
N LYS A 49 -15.93 -0.01 -13.02
CA LYS A 49 -16.11 -0.16 -11.58
C LYS A 49 -15.25 -1.28 -11.01
N MET A 50 -14.71 -2.12 -11.90
CA MET A 50 -13.91 -3.28 -11.48
C MET A 50 -12.38 -3.01 -11.51
N SER A 51 -11.69 -3.57 -10.53
CA SER A 51 -10.26 -3.39 -10.37
C SER A 51 -9.44 -3.94 -11.57
N SER A 52 -8.17 -3.60 -11.59
CA SER A 52 -7.24 -4.13 -12.57
C SER A 52 -6.75 -5.52 -12.13
N ARG A 53 -6.03 -6.22 -13.00
CA ARG A 53 -5.42 -7.47 -12.60
C ARG A 53 -4.45 -7.24 -11.44
N LEU A 54 -3.64 -6.18 -11.54
CA LEU A 54 -2.72 -5.84 -10.47
C LEU A 54 -3.43 -5.68 -9.14
N GLN A 55 -4.57 -5.03 -9.17
CA GLN A 55 -5.29 -4.82 -7.94
C GLN A 55 -5.79 -6.16 -7.37
N GLY A 56 -6.10 -7.09 -8.26
CA GLY A 56 -6.44 -8.45 -7.84
C GLY A 56 -5.24 -9.09 -7.16
N SER A 57 -4.06 -8.90 -7.75
CA SER A 57 -2.84 -9.42 -7.10
C SER A 57 -2.67 -8.84 -5.71
N TRP A 58 -2.93 -7.54 -5.60
CA TRP A 58 -2.80 -6.84 -4.31
C TRP A 58 -3.80 -7.35 -3.28
N MET A 59 -5.04 -7.57 -3.71
CA MET A 59 -6.01 -8.13 -2.77
C MET A 59 -5.58 -9.53 -2.31
N ILE A 60 -5.15 -10.36 -3.23
CA ILE A 60 -4.75 -11.71 -2.86
C ILE A 60 -3.53 -11.71 -1.94
N PHE A 61 -2.54 -10.90 -2.28
CA PHE A 61 -1.35 -10.76 -1.43
C PHE A 61 -1.76 -10.35 -0.01
N THR A 62 -2.58 -9.30 0.07
CA THR A 62 -3.06 -8.76 1.31
C THR A 62 -3.75 -9.84 2.15
N ALA A 63 -4.60 -10.66 1.53
CA ALA A 63 -5.26 -11.74 2.26
C ALA A 63 -4.25 -12.78 2.77
N ARG A 64 -3.34 -13.19 1.90
CA ARG A 64 -2.42 -14.23 2.33
C ARG A 64 -1.52 -13.67 3.41
N ASP A 65 -1.28 -12.37 3.37
CA ASP A 65 -0.38 -11.74 4.34
C ASP A 65 -1.09 -11.51 5.68
N ARG A 66 -2.24 -10.84 5.63
CA ARG A 66 -2.97 -10.54 6.84
C ARG A 66 -3.63 -11.76 7.47
N LYS A 67 -3.89 -12.79 6.65
CA LYS A 67 -4.65 -13.98 7.09
C LYS A 67 -5.93 -13.61 7.87
N PRO A 68 -6.84 -12.82 7.28
CA PRO A 68 -8.03 -12.47 8.06
C PRO A 68 -8.93 -13.68 8.28
N LYS A 69 -9.62 -13.71 9.42
CA LYS A 69 -10.52 -14.82 9.75
C LYS A 69 -11.93 -14.60 9.18
N ARG A 70 -12.40 -13.35 9.17
CA ARG A 70 -13.64 -12.97 8.48
C ARG A 70 -13.40 -11.73 7.65
N ILE A 71 -13.86 -11.72 6.41
CA ILE A 71 -13.76 -10.54 5.53
C ILE A 71 -15.15 -9.99 5.26
N LEU A 72 -15.28 -8.67 5.37
CA LEU A 72 -16.51 -7.98 4.96
C LEU A 72 -16.23 -7.09 3.77
N GLU A 73 -17.14 -7.12 2.81
CA GLU A 73 -16.97 -6.37 1.61
C GLU A 73 -18.25 -5.55 1.37
N ILE A 74 -18.12 -4.24 1.21
CA ILE A 74 -19.31 -3.44 0.92
C ILE A 74 -19.27 -3.03 -0.55
N GLY A 75 -20.14 -3.66 -1.33
CA GLY A 75 -20.11 -3.52 -2.77
C GLY A 75 -19.48 -4.74 -3.41
N CYS A 76 -20.27 -5.52 -4.14
CA CYS A 76 -19.78 -6.76 -4.72
C CYS A 76 -19.50 -6.60 -6.23
N TYR A 77 -20.29 -5.73 -6.86
CA TYR A 77 -20.27 -5.58 -8.32
C TYR A 77 -20.36 -7.01 -8.90
N SER A 78 -19.39 -7.41 -9.74
CA SER A 78 -19.47 -8.68 -10.45
C SER A 78 -18.74 -9.81 -9.72
N GLY A 79 -18.36 -9.58 -8.48
CA GLY A 79 -17.68 -10.57 -7.66
C GLY A 79 -16.17 -10.71 -7.83
N TYR A 80 -15.56 -9.84 -8.62
CA TYR A 80 -14.12 -9.95 -8.84
C TYR A 80 -13.35 -9.89 -7.53
N SER A 81 -13.66 -8.90 -6.68
CA SER A 81 -12.89 -8.75 -5.47
C SER A 81 -13.25 -9.82 -4.44
N ALA A 82 -14.49 -10.29 -4.42
CA ALA A 82 -14.84 -11.40 -3.54
C ALA A 82 -14.02 -12.64 -3.85
N LEU A 83 -13.89 -12.92 -5.15
CA LEU A 83 -13.12 -14.08 -5.61
C LEU A 83 -11.62 -13.90 -5.37
N ALA A 84 -11.18 -12.66 -5.35
CA ALA A 84 -9.78 -12.39 -4.98
C ALA A 84 -9.57 -12.77 -3.51
N TRP A 85 -10.46 -12.31 -2.63
CA TRP A 85 -10.36 -12.65 -1.21
C TRP A 85 -10.47 -14.17 -1.01
N TYR A 86 -11.37 -14.80 -1.77
CA TYR A 86 -11.54 -16.25 -1.69
C TYR A 86 -10.26 -16.99 -2.07
N GLU A 87 -9.64 -16.56 -3.16
CA GLU A 87 -8.36 -17.13 -3.54
C GLU A 87 -7.27 -16.93 -2.47
N GLY A 88 -7.22 -15.74 -1.89
CA GLY A 88 -6.20 -15.42 -0.90
C GLY A 88 -6.40 -16.07 0.46
N THR A 89 -7.53 -16.77 0.64
CA THR A 89 -7.88 -17.37 1.94
C THR A 89 -8.26 -18.85 1.83
N ARG A 90 -7.77 -19.54 0.82
CA ARG A 90 -8.06 -20.96 0.69
C ARG A 90 -7.53 -21.80 1.86
N ASP A 91 -6.39 -21.40 2.44
CA ASP A 91 -5.74 -22.22 3.47
C ASP A 91 -6.46 -22.17 4.81
N THR A 92 -7.21 -21.10 5.00
CA THR A 92 -7.85 -20.79 6.27
C THR A 92 -9.34 -20.96 6.17
N LYS A 93 -9.87 -20.94 4.95
CA LYS A 93 -11.32 -20.98 4.71
C LYS A 93 -12.02 -19.86 5.46
N ALA A 94 -11.40 -18.68 5.47
CA ALA A 94 -12.03 -17.49 6.03
C ALA A 94 -13.45 -17.28 5.49
N GLU A 95 -14.31 -16.72 6.32
CA GLU A 95 -15.64 -16.36 5.86
C GLU A 95 -15.57 -15.06 5.09
N ILE A 96 -16.29 -14.98 3.98
CA ILE A 96 -16.36 -13.74 3.20
C ILE A 96 -17.81 -13.26 3.06
N VAL A 97 -18.12 -12.14 3.68
CA VAL A 97 -19.45 -11.55 3.60
C VAL A 97 -19.41 -10.35 2.68
N THR A 98 -20.26 -10.36 1.66
CA THR A 98 -20.23 -9.29 0.69
C THR A 98 -21.64 -8.72 0.46
N LEU A 99 -21.74 -7.40 0.47
CA LEU A 99 -23.05 -6.76 0.39
C LEU A 99 -23.19 -6.14 -0.99
N GLU A 100 -24.39 -6.24 -1.56
CA GLU A 100 -24.67 -5.65 -2.86
C GLU A 100 -26.14 -5.26 -2.94
N TYR A 101 -26.41 -4.14 -3.62
CA TYR A 101 -27.74 -3.54 -3.76
C TYR A 101 -28.37 -3.89 -5.10
N SER A 102 -27.56 -3.92 -6.15
CA SER A 102 -28.02 -4.02 -7.54
C SER A 102 -28.48 -5.41 -7.97
N PRO A 103 -29.79 -5.55 -8.30
CA PRO A 103 -30.29 -6.87 -8.70
C PRO A 103 -29.44 -7.48 -9.84
N LYS A 104 -29.02 -6.68 -10.81
CA LYS A 104 -28.19 -7.21 -11.90
C LYS A 104 -26.85 -7.76 -11.39
N MET A 105 -26.16 -6.97 -10.56
CA MET A 105 -24.89 -7.41 -9.98
C MET A 105 -25.06 -8.58 -9.03
N ILE A 106 -26.18 -8.62 -8.31
CA ILE A 106 -26.48 -9.76 -7.45
C ILE A 106 -26.49 -11.02 -8.31
N ALA A 107 -27.26 -10.98 -9.39
CA ALA A 107 -27.41 -12.12 -10.29
C ALA A 107 -26.07 -12.46 -10.94
N ALA A 108 -25.39 -11.44 -11.44
CA ALA A 108 -24.06 -11.59 -12.03
C ALA A 108 -23.11 -12.33 -11.07
N SER A 109 -23.14 -11.93 -9.80
CA SER A 109 -22.23 -12.47 -8.78
C SER A 109 -22.54 -13.91 -8.40
N ARG A 110 -23.81 -14.18 -8.12
CA ARG A 110 -24.21 -15.55 -7.82
C ARG A 110 -23.80 -16.40 -9.01
N GLU A 111 -24.11 -15.95 -10.22
CA GLU A 111 -23.66 -16.60 -11.46
C GLU A 111 -22.17 -16.93 -11.45
N ALA A 112 -21.32 -15.91 -11.22
CA ALA A 112 -19.88 -16.14 -11.23
C ALA A 112 -19.47 -17.06 -10.08
N PHE A 113 -20.04 -16.83 -8.90
CA PHE A 113 -19.75 -17.64 -7.71
C PHE A 113 -20.10 -19.11 -7.92
N LYS A 114 -21.31 -19.33 -8.44
CA LYS A 114 -21.74 -20.65 -8.95
C LYS A 114 -20.63 -21.24 -9.78
N LYS A 115 -20.36 -20.60 -10.91
CA LYS A 115 -19.40 -21.06 -11.90
C LYS A 115 -18.00 -21.35 -11.33
N TYR A 116 -17.52 -20.46 -10.45
CA TYR A 116 -16.19 -20.54 -9.86
C TYR A 116 -16.03 -21.74 -8.95
N GLY A 117 -17.17 -22.20 -8.43
CA GLY A 117 -17.20 -23.35 -7.56
C GLY A 117 -16.95 -23.02 -6.11
N VAL A 118 -17.09 -21.74 -5.73
CA VAL A 118 -16.90 -21.33 -4.34
C VAL A 118 -17.87 -22.04 -3.39
N GLY A 119 -17.40 -22.42 -2.22
CA GLY A 119 -18.26 -23.01 -1.21
C GLY A 119 -19.04 -21.94 -0.48
N ASP A 120 -19.82 -22.35 0.51
CA ASP A 120 -20.72 -21.43 1.19
C ASP A 120 -20.02 -20.51 2.19
N ARG A 121 -18.69 -20.53 2.21
CA ARG A 121 -17.97 -19.61 3.09
C ARG A 121 -18.05 -18.21 2.50
N VAL A 122 -18.44 -18.13 1.22
CA VAL A 122 -18.74 -16.87 0.56
C VAL A 122 -20.23 -16.60 0.61
N LYS A 123 -20.61 -15.58 1.37
CA LYS A 123 -22.02 -15.26 1.55
C LYS A 123 -22.35 -13.88 0.97
N LEU A 124 -23.25 -13.85 0.00
CA LEU A 124 -23.74 -12.59 -0.54
C LEU A 124 -25.03 -12.15 0.14
N ILE A 125 -25.02 -10.96 0.74
CA ILE A 125 -26.24 -10.43 1.32
C ILE A 125 -26.86 -9.33 0.45
N GLU A 126 -28.11 -9.54 0.03
CA GLU A 126 -28.78 -8.64 -0.91
C GLU A 126 -29.57 -7.52 -0.24
N GLY A 127 -29.51 -6.33 -0.82
CA GLY A 127 -30.30 -5.20 -0.35
C GLY A 127 -29.42 -3.97 -0.12
N PRO A 128 -30.05 -2.85 0.27
CA PRO A 128 -29.28 -1.61 0.48
C PRO A 128 -28.24 -1.82 1.58
N ALA A 129 -26.99 -1.48 1.31
CA ALA A 129 -25.90 -1.77 2.23
C ALA A 129 -26.02 -1.00 3.55
N GLU A 130 -26.49 0.24 3.49
CA GLU A 130 -26.68 1.05 4.69
C GLU A 130 -27.55 0.33 5.72
N ASN A 131 -28.45 -0.53 5.26
CA ASN A 131 -29.33 -1.28 6.16
C ASN A 131 -28.83 -2.68 6.48
N THR A 132 -28.39 -3.40 5.46
CA THR A 132 -27.95 -4.77 5.68
C THR A 132 -26.68 -4.76 6.54
N LEU A 133 -25.91 -3.68 6.46
CA LEU A 133 -24.71 -3.52 7.29
C LEU A 133 -25.11 -3.54 8.77
N LYS A 134 -26.21 -2.88 9.09
CA LYS A 134 -26.62 -2.72 10.48
C LYS A 134 -27.00 -4.04 11.13
N THR A 135 -27.26 -5.06 10.31
CA THR A 135 -27.81 -6.32 10.83
C THR A 135 -26.74 -7.37 11.06
N LEU A 136 -25.51 -7.05 10.68
CA LEU A 136 -24.43 -8.02 10.80
C LEU A 136 -24.00 -8.24 12.25
N GLU A 137 -23.68 -9.50 12.54
CA GLU A 137 -23.16 -9.90 13.83
C GLU A 137 -21.64 -9.96 13.84
N GLY A 138 -21.05 -9.83 15.02
CA GLY A 138 -19.66 -10.19 15.24
C GLY A 138 -18.72 -9.11 14.77
N GLU A 139 -17.53 -9.51 14.35
CA GLU A 139 -16.59 -8.52 13.87
C GLU A 139 -15.79 -9.11 12.72
N PHE A 140 -15.14 -8.25 11.94
CA PHE A 140 -14.41 -8.67 10.73
C PHE A 140 -12.96 -8.17 10.78
N ASP A 141 -12.02 -8.96 10.23
CA ASP A 141 -10.59 -8.65 10.31
C ASP A 141 -10.16 -7.73 9.18
N LEU A 142 -10.95 -7.73 8.11
CA LEU A 142 -10.66 -6.93 6.94
C LEU A 142 -11.98 -6.52 6.36
N ILE A 143 -12.13 -5.23 6.10
CA ILE A 143 -13.36 -4.71 5.53
C ILE A 143 -12.99 -3.89 4.33
N PHE A 144 -13.57 -4.23 3.20
CA PHE A 144 -13.23 -3.58 1.93
C PHE A 144 -14.43 -2.76 1.50
N VAL A 145 -14.26 -1.46 1.36
CA VAL A 145 -15.40 -0.60 1.08
C VAL A 145 -15.23 0.01 -0.32
N ASP A 146 -16.17 -0.32 -1.20
CA ASP A 146 -16.11 0.17 -2.57
C ASP A 146 -17.49 0.26 -3.21
N ALA A 147 -18.49 0.68 -2.45
CA ALA A 147 -19.86 0.79 -2.95
C ALA A 147 -20.14 2.22 -3.40
N ASN A 148 -21.37 2.71 -3.23
CA ASN A 148 -21.63 4.10 -3.62
C ASN A 148 -20.78 5.07 -2.85
N LYS A 149 -20.01 5.89 -3.57
CA LYS A 149 -19.05 6.80 -2.92
C LYS A 149 -19.74 7.77 -1.96
N ASP A 150 -21.00 8.13 -2.21
CA ASP A 150 -21.63 9.10 -1.32
C ASP A 150 -22.05 8.45 0.01
N GLY A 151 -21.82 7.14 0.12
CA GLY A 151 -22.22 6.41 1.31
C GLY A 151 -21.07 5.95 2.21
N TYR A 152 -19.83 6.22 1.81
CA TYR A 152 -18.67 5.79 2.61
C TYR A 152 -18.68 6.29 4.04
N ALA A 153 -19.07 7.55 4.26
CA ALA A 153 -19.04 8.08 5.61
C ALA A 153 -20.00 7.32 6.52
N GLY A 154 -21.18 7.00 6.00
CA GLY A 154 -22.17 6.27 6.75
C GLY A 154 -21.72 4.85 7.09
N TYR A 155 -21.12 4.19 6.10
CA TYR A 155 -20.65 2.83 6.25
C TYR A 155 -19.61 2.69 7.36
N VAL A 156 -18.58 3.54 7.32
CA VAL A 156 -17.54 3.54 8.34
C VAL A 156 -18.12 3.82 9.74
N LYS A 157 -19.01 4.82 9.81
CA LYS A 157 -19.65 5.14 11.06
C LYS A 157 -20.37 3.93 11.67
N THR A 158 -21.11 3.21 10.83
CA THR A 158 -21.82 2.02 11.30
C THR A 158 -20.82 0.93 11.73
N ILE A 159 -19.78 0.71 10.92
CA ILE A 159 -18.74 -0.27 11.24
C ILE A 159 -18.15 -0.05 12.64
N LEU A 160 -17.77 1.19 12.91
CA LEU A 160 -17.18 1.54 14.19
C LEU A 160 -18.23 1.49 15.31
N ASP A 161 -19.35 2.17 15.11
CA ASP A 161 -20.39 2.22 16.12
C ASP A 161 -20.80 0.83 16.60
N GLN A 162 -20.96 -0.12 15.69
CA GLN A 162 -21.43 -1.44 16.08
C GLN A 162 -20.31 -2.44 16.34
N GLY A 163 -19.05 -2.01 16.24
CA GLY A 163 -17.92 -2.85 16.57
C GLY A 163 -17.74 -3.96 15.55
N LEU A 164 -17.99 -3.61 14.30
CA LEU A 164 -17.90 -4.57 13.20
C LEU A 164 -16.44 -4.78 12.76
N LEU A 165 -15.58 -3.85 13.13
CA LEU A 165 -14.14 -3.94 12.90
C LEU A 165 -13.43 -4.57 14.11
N SER A 166 -12.70 -5.66 13.92
CA SER A 166 -12.03 -6.28 15.06
C SER A 166 -10.87 -5.40 15.53
N ALA A 167 -10.33 -5.71 16.72
CA ALA A 167 -9.28 -4.90 17.35
C ALA A 167 -8.06 -4.66 16.47
N ASN A 168 -7.58 -5.71 15.81
CA ASN A 168 -6.43 -5.59 14.94
C ASN A 168 -6.79 -5.65 13.47
N GLY A 169 -8.02 -5.23 13.17
CA GLY A 169 -8.49 -5.23 11.79
C GLY A 169 -8.12 -3.96 11.06
N ILE A 170 -8.46 -3.92 9.78
CA ILE A 170 -8.28 -2.73 8.98
C ILE A 170 -9.50 -2.57 8.05
N ILE A 171 -9.86 -1.32 7.79
CA ILE A 171 -10.81 -1.02 6.73
C ILE A 171 -10.01 -0.48 5.58
N LEU A 172 -10.24 -1.05 4.40
CA LEU A 172 -9.68 -0.53 3.16
C LEU A 172 -10.82 0.07 2.32
N CYS A 173 -10.82 1.38 2.14
CA CYS A 173 -11.80 2.08 1.29
C CYS A 173 -11.19 2.40 -0.06
N ASP A 174 -11.83 1.96 -1.13
CA ASP A 174 -11.27 2.07 -2.48
C ASP A 174 -11.80 3.30 -3.25
N ASN A 175 -11.07 3.69 -4.30
CA ASN A 175 -11.44 4.79 -5.19
C ASN A 175 -11.70 6.12 -4.50
N VAL A 176 -10.94 6.42 -3.44
CA VAL A 176 -11.21 7.60 -2.65
C VAL A 176 -10.83 8.87 -3.42
N PHE A 177 -9.92 8.78 -4.41
CA PHE A 177 -9.52 9.96 -5.19
C PHE A 177 -10.57 10.38 -6.25
N ALA A 178 -11.52 9.51 -6.59
CA ALA A 178 -12.47 9.82 -7.69
C ALA A 178 -11.70 10.35 -8.92
N ARG A 179 -10.67 9.61 -9.33
CA ARG A 179 -9.79 9.92 -10.45
C ARG A 179 -8.96 11.19 -10.28
N GLY A 180 -8.97 11.77 -9.08
CA GLY A 180 -8.32 13.05 -8.86
C GLY A 180 -9.31 14.12 -8.44
N LEU A 181 -10.59 13.93 -8.79
CA LEU A 181 -11.58 14.98 -8.57
C LEU A 181 -11.93 15.13 -7.09
N THR A 182 -11.56 14.15 -6.27
CA THR A 182 -11.70 14.33 -4.82
C THR A 182 -10.85 15.52 -4.36
N ILE A 183 -9.68 15.66 -5.00
CA ILE A 183 -8.73 16.69 -4.60
C ILE A 183 -9.14 18.07 -5.18
N GLY A 184 -9.68 18.08 -6.38
CA GLY A 184 -10.03 19.33 -7.02
C GLY A 184 -10.55 19.14 -8.42
N PRO A 185 -11.35 20.09 -8.93
CA PRO A 185 -12.05 19.88 -10.20
C PRO A 185 -11.11 19.81 -11.41
N ASP A 186 -9.90 20.37 -11.29
CA ASP A 186 -8.99 20.45 -12.41
C ASP A 186 -7.96 19.32 -12.38
N CYS A 187 -8.15 18.35 -11.48
CA CYS A 187 -7.17 17.30 -11.24
C CYS A 187 -7.29 16.04 -12.08
N ALA A 188 -8.28 15.98 -13.00
CA ALA A 188 -8.33 14.85 -13.95
C ALA A 188 -8.69 15.33 -15.34
N PRO A 189 -7.79 16.12 -15.94
CA PRO A 189 -8.11 16.77 -17.21
C PRO A 189 -8.36 15.79 -18.36
N TRP A 190 -7.98 14.52 -18.17
CA TRP A 190 -8.07 13.50 -19.20
C TRP A 190 -9.44 12.81 -19.26
N LEU A 191 -10.27 12.99 -18.23
CA LEU A 191 -11.57 12.33 -18.16
C LEU A 191 -12.48 12.72 -19.32
N ASN A 192 -13.19 11.76 -19.89
CA ASN A 192 -14.20 12.05 -20.91
C ASN A 192 -15.33 12.91 -20.32
N ASP A 193 -15.87 13.82 -21.13
CA ASP A 193 -16.97 14.69 -20.71
C ASP A 193 -18.18 13.95 -20.14
N HIS A 194 -18.50 12.78 -20.67
CA HIS A 194 -19.71 12.08 -20.24
C HIS A 194 -19.58 11.43 -18.86
N VAL A 195 -18.37 11.24 -18.35
CA VAL A 195 -18.25 10.67 -17.01
C VAL A 195 -17.81 11.68 -15.98
N ARG A 196 -17.42 12.88 -16.44
CA ARG A 196 -17.02 13.94 -15.51
C ARG A 196 -18.09 14.29 -14.47
N PRO A 197 -19.38 14.36 -14.84
CA PRO A 197 -20.33 14.68 -13.77
C PRO A 197 -20.37 13.61 -12.65
N TYR A 198 -20.28 12.34 -13.03
CA TYR A 198 -20.22 11.26 -12.05
C TYR A 198 -19.00 11.41 -11.09
N TRP A 199 -17.79 11.51 -11.65
CA TRP A 199 -16.60 11.51 -10.78
C TRP A 199 -16.56 12.76 -9.90
N ASN A 200 -17.04 13.86 -10.45
CA ASN A 200 -17.10 15.10 -9.68
C ASN A 200 -18.04 14.98 -8.47
N GLY A 201 -19.18 14.34 -8.68
CA GLY A 201 -20.11 14.07 -7.59
C GLY A 201 -19.43 13.19 -6.55
N CYS A 202 -18.78 12.11 -7.00
CA CYS A 202 -18.07 11.24 -6.07
C CYS A 202 -16.97 12.02 -5.32
N GLY A 203 -16.25 12.85 -6.07
CA GLY A 203 -15.09 13.54 -5.53
C GLY A 203 -15.55 14.43 -4.41
N GLN A 204 -16.63 15.16 -4.65
CA GLN A 204 -17.17 16.02 -3.63
C GLN A 204 -17.59 15.24 -2.39
N ALA A 205 -18.24 14.09 -2.56
CA ALA A 205 -18.62 13.31 -1.39
C ALA A 205 -17.39 12.70 -0.66
N LEU A 206 -16.40 12.23 -1.41
CA LEU A 206 -15.23 11.60 -0.80
C LEU A 206 -14.35 12.62 -0.08
N ASP A 207 -14.41 13.86 -0.55
CA ASP A 207 -13.69 14.95 0.11
C ASP A 207 -14.26 15.16 1.52
N LYS A 208 -15.58 15.17 1.63
CA LYS A 208 -16.24 15.35 2.92
C LYS A 208 -16.00 14.12 3.81
N PHE A 209 -16.10 12.95 3.21
CA PHE A 209 -15.75 11.70 3.87
C PHE A 209 -14.35 11.73 4.47
N SER A 210 -13.38 12.08 3.63
CA SER A 210 -12.00 12.13 4.10
C SER A 210 -11.84 13.09 5.25
N ALA A 211 -12.46 14.27 5.15
CA ALA A 211 -12.36 15.27 6.23
C ALA A 211 -12.99 14.75 7.52
N GLY A 212 -14.14 14.11 7.41
CA GLY A 212 -14.84 13.59 8.58
C GLY A 212 -13.98 12.56 9.32
N LEU A 213 -13.25 11.70 8.58
CA LEU A 213 -12.39 10.70 9.22
C LEU A 213 -11.38 11.36 10.15
N MET A 214 -10.86 12.50 9.73
CA MET A 214 -9.90 13.21 10.57
C MET A 214 -10.53 13.75 11.85
N GLU A 215 -11.86 13.74 11.95
CA GLU A 215 -12.51 14.30 13.14
C GLU A 215 -12.93 13.22 14.12
N ASP A 216 -12.64 11.97 13.77
CA ASP A 216 -13.07 10.83 14.57
C ASP A 216 -11.92 10.35 15.45
N PRO A 217 -11.98 10.67 16.77
CA PRO A 217 -10.84 10.37 17.63
C PRO A 217 -10.65 8.87 17.90
N ARG A 218 -11.55 8.00 17.43
CA ARG A 218 -11.41 6.56 17.66
C ARG A 218 -10.42 5.84 16.72
N ILE A 219 -9.97 6.49 15.65
CA ILE A 219 -9.28 5.77 14.59
C ILE A 219 -7.96 6.38 14.12
N ASP A 220 -7.08 5.54 13.58
CA ASP A 220 -5.94 5.98 12.78
C ASP A 220 -6.31 5.91 11.31
N VAL A 221 -5.95 6.94 10.55
CA VAL A 221 -6.31 7.06 9.14
C VAL A 221 -5.08 7.34 8.27
N LEU A 222 -4.92 6.58 7.19
CA LEU A 222 -3.85 6.82 6.23
C LEU A 222 -4.44 6.82 4.83
N LEU A 223 -4.38 7.95 4.12
CA LEU A 223 -4.88 7.98 2.74
C LEU A 223 -3.70 7.71 1.82
N LEU A 224 -3.72 6.53 1.21
CA LEU A 224 -2.57 6.08 0.45
C LEU A 224 -2.75 6.35 -1.04
N PRO A 225 -1.77 7.02 -1.64
CA PRO A 225 -1.92 7.41 -3.06
C PRO A 225 -1.50 6.28 -4.03
N VAL A 226 -2.23 5.18 -3.92
CA VAL A 226 -2.02 4.05 -4.79
C VAL A 226 -3.35 3.79 -5.48
N PHE A 227 -3.33 3.27 -6.69
CA PHE A 227 -4.53 2.91 -7.46
C PHE A 227 -5.37 4.17 -7.62
N ASP A 228 -6.65 4.12 -7.31
CA ASP A 228 -7.50 5.32 -7.36
C ASP A 228 -7.71 5.89 -5.93
N GLY A 229 -6.72 5.69 -5.06
CA GLY A 229 -6.78 6.26 -3.73
C GLY A 229 -7.35 5.25 -2.74
N VAL A 230 -6.54 4.84 -1.77
CA VAL A 230 -7.00 3.86 -0.78
C VAL A 230 -6.91 4.41 0.61
N THR A 231 -8.03 4.50 1.31
CA THR A 231 -7.95 4.94 2.71
C THR A 231 -7.85 3.72 3.61
N GLN A 232 -6.78 3.71 4.41
CA GLN A 232 -6.63 2.71 5.47
C GLN A 232 -7.11 3.27 6.80
N ILE A 233 -7.88 2.48 7.53
CA ILE A 233 -8.47 2.86 8.82
C ILE A 233 -8.26 1.76 9.84
N ARG A 234 -7.78 2.09 11.02
CA ARG A 234 -7.71 1.11 12.09
C ARG A 234 -8.18 1.76 13.38
N TRP A 235 -8.57 0.95 14.36
CA TRP A 235 -8.82 1.46 15.69
C TRP A 235 -7.54 2.08 16.26
N LYS A 236 -7.61 3.32 16.73
CA LYS A 236 -6.47 3.93 17.41
C LYS A 236 -6.10 3.14 18.67
N ASP A 237 -4.81 2.85 18.87
CA ASP A 237 -4.37 2.04 20.00
C ASP A 237 -4.69 2.55 21.44
N GLY A 238 -4.47 3.84 21.76
CA GLY A 238 -3.92 4.86 20.88
C GLY A 238 -2.45 5.15 21.13
N LEU B 4 -6.13 -0.26 -20.09
CA LEU B 4 -6.13 0.62 -18.92
C LEU B 4 -5.53 -0.02 -17.65
N GLY B 5 -4.87 0.82 -16.85
CA GLY B 5 -4.04 0.39 -15.76
C GLY B 5 -4.48 0.86 -14.40
N SER B 6 -3.58 0.73 -13.43
CA SER B 6 -3.84 0.96 -12.02
C SER B 6 -3.25 2.25 -11.47
N ILE B 7 -2.79 3.12 -12.36
CA ILE B 7 -2.08 4.32 -11.96
C ILE B 7 -2.74 5.54 -12.58
N LEU B 8 -3.13 6.48 -11.74
CA LEU B 8 -3.70 7.74 -12.18
C LEU B 8 -2.60 8.63 -12.74
N PRO B 9 -2.84 9.22 -13.91
CA PRO B 9 -1.85 10.15 -14.47
C PRO B 9 -2.06 11.55 -13.89
N PHE B 10 -0.96 12.19 -13.47
CA PHE B 10 -0.94 13.52 -12.85
C PHE B 10 0.26 14.25 -13.46
N ASN B 11 0.14 15.56 -13.71
CA ASN B 11 1.35 16.32 -14.06
C ASN B 11 2.08 16.64 -12.72
N GLU B 12 3.23 17.32 -12.76
CA GLU B 12 4.00 17.45 -11.53
C GLU B 12 3.23 18.22 -10.48
N GLU B 13 2.61 19.31 -10.89
CA GLU B 13 1.93 20.20 -9.99
C GLU B 13 0.79 19.51 -9.30
N THR B 14 0.05 18.79 -10.08
CA THR B 14 -1.14 18.12 -9.58
C THR B 14 -0.77 16.97 -8.65
N ALA B 15 0.23 16.18 -9.03
CA ALA B 15 0.76 15.13 -8.15
C ALA B 15 1.16 15.67 -6.78
N ASP B 16 1.87 16.80 -6.77
CA ASP B 16 2.18 17.44 -5.48
C ASP B 16 0.91 17.88 -4.70
N ARG B 17 -0.08 18.39 -5.43
CA ARG B 17 -1.32 18.74 -4.77
C ARG B 17 -2.01 17.52 -4.20
N VAL B 18 -2.00 16.43 -4.92
CA VAL B 18 -2.65 15.23 -4.39
C VAL B 18 -1.85 14.71 -3.19
N SER B 19 -0.52 14.81 -3.27
CA SER B 19 0.31 14.41 -2.12
C SER B 19 -0.06 15.20 -0.88
N ALA B 20 -0.14 16.52 -1.03
CA ALA B 20 -0.47 17.38 0.11
C ALA B 20 -1.86 17.05 0.62
N TYR B 21 -2.77 16.69 -0.30
CA TYR B 21 -4.13 16.29 0.13
C TYR B 21 -4.06 15.04 1.01
N CYS B 22 -3.29 14.03 0.59
CA CYS B 22 -3.12 12.84 1.41
C CYS B 22 -2.59 13.18 2.82
N GLU B 23 -1.58 14.06 2.92
CA GLU B 23 -1.08 14.49 4.22
C GLU B 23 -2.15 15.18 5.04
N LYS B 24 -2.89 16.06 4.41
CA LYS B 24 -3.94 16.78 5.09
C LYS B 24 -4.98 15.81 5.62
N ASN B 25 -5.19 14.69 4.92
CA ASN B 25 -6.29 13.79 5.28
C ASN B 25 -5.81 12.44 5.83
N SER B 26 -4.61 12.46 6.41
CA SER B 26 -4.03 11.29 7.11
C SER B 26 -3.51 11.78 8.45
N HIS B 27 -3.50 10.93 9.48
CA HIS B 27 -2.89 11.40 10.73
C HIS B 27 -1.40 11.71 10.52
N GLY B 28 -0.95 12.84 11.07
CA GLY B 28 0.41 13.31 10.89
C GLY B 28 1.41 12.57 11.77
N ILE B 29 2.70 12.81 11.58
CA ILE B 29 3.71 12.16 12.42
C ILE B 29 3.92 13.00 13.69
N PRO B 30 4.50 12.41 14.76
CA PRO B 30 4.64 13.19 15.99
C PRO B 30 5.51 14.45 15.83
N ASP B 31 5.31 15.46 16.68
CA ASP B 31 6.09 16.69 16.62
C ASP B 31 7.61 16.44 16.59
N ALA B 32 8.09 15.56 17.45
CA ALA B 32 9.52 15.26 17.52
C ALA B 32 10.06 14.69 16.20
N LEU B 33 9.22 13.99 15.45
CA LEU B 33 9.63 13.43 14.15
C LEU B 33 9.55 14.47 13.03
N VAL B 34 8.53 15.34 13.07
CA VAL B 34 8.55 16.52 12.20
C VAL B 34 9.85 17.30 12.38
N GLU B 35 10.28 17.47 13.61
CA GLU B 35 11.50 18.20 13.85
C GLU B 35 12.74 17.54 13.22
N HIS B 36 12.82 16.21 13.32
CA HIS B 36 13.95 15.50 12.74
C HIS B 36 13.89 15.51 11.20
N TRP B 37 12.67 15.44 10.66
CA TRP B 37 12.47 15.54 9.24
C TRP B 37 12.98 16.88 8.69
N GLU B 38 12.62 17.97 9.38
CA GLU B 38 13.14 19.30 9.04
C GLU B 38 14.66 19.30 9.07
N TRP B 39 15.22 18.78 10.16
CA TRP B 39 16.65 18.72 10.32
C TRP B 39 17.36 17.96 9.18
N THR B 40 16.75 16.87 8.73
CA THR B 40 17.35 16.09 7.65
C THR B 40 17.42 16.90 6.35
N ARG B 41 16.35 17.60 5.99
CA ARG B 41 16.31 18.43 4.78
C ARG B 41 17.31 19.55 4.81
N THR B 42 17.60 20.06 6.01
CA THR B 42 18.58 21.15 6.17
C THR B 42 20.01 20.64 6.07
N ARG B 43 20.31 19.58 6.81
CA ARG B 43 21.66 19.04 6.87
C ARG B 43 22.11 18.40 5.55
N PHE B 44 21.15 17.83 4.81
CA PHE B 44 21.42 17.18 3.52
C PHE B 44 20.50 17.72 2.45
N PRO B 45 20.73 18.97 2.02
CA PRO B 45 19.84 19.67 1.07
C PRO B 45 19.94 19.15 -0.36
N ASP B 46 21.00 18.42 -0.66
CA ASP B 46 21.21 17.87 -1.99
C ASP B 46 20.82 16.41 -2.03
N ALA B 47 20.11 15.97 -0.99
CA ALA B 47 19.85 14.56 -0.81
C ALA B 47 19.18 13.94 -2.04
N ASP B 48 18.41 14.75 -2.76
CA ASP B 48 17.56 14.25 -3.86
C ASP B 48 16.87 12.99 -3.38
N LYS B 49 16.22 13.11 -2.23
CA LYS B 49 15.66 11.96 -1.54
C LYS B 49 14.17 12.09 -1.52
N MET B 50 13.43 11.04 -1.87
CA MET B 50 12.01 11.09 -1.58
C MET B 50 11.77 10.57 -0.18
N SER B 51 11.40 11.47 0.72
CA SER B 51 10.99 11.10 2.07
C SER B 51 10.11 12.22 2.61
N SER B 52 8.82 12.06 2.37
CA SER B 52 7.81 12.99 2.78
C SER B 52 7.33 12.69 4.19
N ARG B 53 6.55 13.61 4.74
CA ARG B 53 5.87 13.40 6.00
C ARG B 53 4.88 12.23 5.82
N LEU B 54 4.16 12.22 4.69
CA LEU B 54 3.23 11.13 4.36
C LEU B 54 3.86 9.72 4.45
N GLN B 55 5.08 9.58 3.92
CA GLN B 55 5.77 8.30 4.01
C GLN B 55 6.05 7.99 5.48
N GLY B 56 6.35 9.02 6.24
CA GLY B 56 6.51 8.86 7.68
C GLY B 56 5.22 8.32 8.28
N SER B 57 4.10 8.96 7.94
CA SER B 57 2.79 8.49 8.40
C SER B 57 2.56 7.03 8.01
N TRP B 58 2.98 6.69 6.80
CA TRP B 58 2.77 5.34 6.28
C TRP B 58 3.57 4.32 7.10
N MET B 59 4.83 4.66 7.38
CA MET B 59 5.72 3.75 8.13
C MET B 59 5.17 3.52 9.53
N ILE B 60 4.76 4.59 10.22
CA ILE B 60 4.14 4.50 11.54
C ILE B 60 2.82 3.68 11.53
N PHE B 61 1.92 3.99 10.59
CA PHE B 61 0.66 3.25 10.48
C PHE B 61 0.97 1.76 10.29
N THR B 62 1.85 1.47 9.34
CA THR B 62 2.24 0.11 9.04
C THR B 62 2.76 -0.64 10.25
N ALA B 63 3.61 0.02 11.05
CA ALA B 63 4.15 -0.65 12.26
C ALA B 63 3.07 -0.85 13.34
N ARG B 64 2.18 0.12 13.50
CA ARG B 64 1.11 -0.01 14.50
C ARG B 64 0.13 -1.13 14.13
N ASP B 65 -0.13 -1.25 12.84
CA ASP B 65 -1.00 -2.27 12.26
C ASP B 65 -0.38 -3.67 12.41
N ARG B 66 0.86 -3.81 11.95
CA ARG B 66 1.45 -5.14 11.78
C ARG B 66 1.99 -5.64 13.11
N LYS B 67 2.28 -4.71 14.01
CA LYS B 67 2.88 -5.04 15.32
C LYS B 67 4.02 -6.05 15.26
N PRO B 68 5.08 -5.75 14.51
CA PRO B 68 6.18 -6.67 14.39
C PRO B 68 6.97 -6.76 15.67
N LYS B 69 7.50 -7.94 15.99
CA LYS B 69 8.28 -8.13 17.20
C LYS B 69 9.68 -7.51 17.05
N ARG B 70 10.23 -7.58 15.83
CA ARG B 70 11.56 -7.04 15.48
C ARG B 70 11.52 -6.52 14.06
N ILE B 71 12.22 -5.41 13.85
CA ILE B 71 12.33 -4.77 12.55
C ILE B 71 13.78 -4.65 12.11
N LEU B 72 14.02 -4.92 10.82
CA LEU B 72 15.36 -4.76 10.26
C LEU B 72 15.27 -3.73 9.20
N GLU B 73 16.18 -2.78 9.19
CA GLU B 73 16.20 -1.97 8.01
C GLU B 73 17.61 -1.84 7.47
N ILE B 74 17.67 -1.83 6.15
CA ILE B 74 18.93 -1.77 5.45
C ILE B 74 18.97 -0.43 4.75
N GLY B 75 19.82 0.48 5.25
CA GLY B 75 19.86 1.85 4.78
C GLY B 75 19.25 2.79 5.82
N CYS B 76 20.07 3.30 6.73
CA CYS B 76 19.56 4.14 7.83
C CYS B 76 19.45 5.61 7.42
N TYR B 77 20.37 6.06 6.57
CA TYR B 77 20.48 7.49 6.23
C TYR B 77 20.57 8.35 7.48
N SER B 78 19.62 9.26 7.65
CA SER B 78 19.67 10.18 8.79
C SER B 78 18.84 9.68 9.95
N GLY B 79 18.24 8.50 9.82
CA GLY B 79 17.49 7.92 10.93
C GLY B 79 16.01 8.24 10.91
N TYR B 80 15.52 8.92 9.88
CA TYR B 80 14.09 9.24 9.77
C TYR B 80 13.20 7.99 9.82
N SER B 81 13.52 6.99 9.00
CA SER B 81 12.67 5.79 8.95
C SER B 81 12.81 4.99 10.23
N ALA B 82 14.04 4.89 10.76
CA ALA B 82 14.23 4.20 12.02
C ALA B 82 13.39 4.82 13.13
N LEU B 83 13.31 6.15 13.15
CA LEU B 83 12.55 6.85 14.18
C LEU B 83 11.04 6.71 13.97
N ALA B 84 10.61 6.62 12.71
CA ALA B 84 9.23 6.26 12.39
C ALA B 84 8.89 4.86 12.91
N TRP B 85 9.76 3.89 12.63
CA TRP B 85 9.55 2.55 13.14
C TRP B 85 9.48 2.62 14.65
N TYR B 86 10.40 3.38 15.27
CA TYR B 86 10.39 3.51 16.74
C TYR B 86 9.02 3.99 17.27
N GLU B 87 8.48 5.06 16.66
CA GLU B 87 7.20 5.63 17.08
C GLU B 87 6.08 4.62 16.98
N GLY B 88 6.09 3.85 15.90
CA GLY B 88 5.00 2.94 15.64
C GLY B 88 5.10 1.67 16.46
N THR B 89 6.20 1.46 17.19
CA THR B 89 6.30 0.24 17.98
C THR B 89 6.49 0.53 19.47
N ARG B 90 6.06 1.70 19.91
CA ARG B 90 6.21 2.13 21.30
C ARG B 90 5.62 1.19 22.34
N ASP B 91 4.45 0.64 22.09
CA ASP B 91 3.83 -0.14 23.15
C ASP B 91 4.19 -1.61 23.08
N THR B 92 5.01 -1.99 22.13
CA THR B 92 5.47 -3.37 22.07
C THR B 92 6.96 -3.50 22.29
N LYS B 93 7.63 -2.37 22.43
CA LYS B 93 9.04 -2.40 22.72
C LYS B 93 9.86 -3.17 21.67
N ALA B 94 9.44 -3.17 20.41
CA ALA B 94 10.15 -3.89 19.35
C ALA B 94 11.63 -3.48 19.19
N GLU B 95 12.49 -4.47 18.96
CA GLU B 95 13.87 -4.22 18.57
C GLU B 95 13.95 -3.75 17.12
N ILE B 96 14.75 -2.71 16.88
CA ILE B 96 14.93 -2.15 15.54
C ILE B 96 16.41 -2.17 15.20
N VAL B 97 16.76 -2.95 14.19
CA VAL B 97 18.16 -3.08 13.78
C VAL B 97 18.31 -2.35 12.47
N THR B 98 19.21 -1.38 12.40
CA THR B 98 19.35 -0.63 11.16
C THR B 98 20.80 -0.65 10.68
N LEU B 99 20.96 -0.89 9.37
CA LEU B 99 22.28 -1.05 8.76
C LEU B 99 22.68 0.20 7.96
N GLU B 100 23.89 0.68 8.21
CA GLU B 100 24.40 1.79 7.43
C GLU B 100 25.91 1.68 7.28
N TYR B 101 26.46 2.20 6.19
CA TYR B 101 27.89 2.16 5.94
C TYR B 101 28.50 3.54 5.72
N SER B 102 27.70 4.52 5.30
CA SER B 102 28.23 5.87 5.09
C SER B 102 28.60 6.55 6.42
N PRO B 103 29.87 6.99 6.57
CA PRO B 103 30.28 7.64 7.82
C PRO B 103 29.45 8.88 8.18
N LYS B 104 29.14 9.75 7.25
CA LYS B 104 28.30 10.89 7.59
C LYS B 104 26.89 10.52 8.00
N MET B 105 26.33 9.52 7.35
CA MET B 105 25.02 9.03 7.77
C MET B 105 25.05 8.38 9.16
N ILE B 106 26.04 7.52 9.38
CA ILE B 106 26.22 6.89 10.67
C ILE B 106 26.28 7.99 11.76
N ALA B 107 27.13 8.98 11.51
CA ALA B 107 27.26 10.15 12.37
C ALA B 107 25.91 10.85 12.62
N ALA B 108 25.18 11.16 11.55
CA ALA B 108 23.91 11.85 11.68
C ALA B 108 22.92 11.02 12.50
N SER B 109 22.82 9.74 12.17
CA SER B 109 21.91 8.83 12.83
C SER B 109 22.22 8.66 14.33
N ARG B 110 23.50 8.57 14.69
CA ARG B 110 23.86 8.41 16.10
C ARG B 110 23.46 9.66 16.90
N GLU B 111 23.74 10.82 16.32
CA GLU B 111 23.35 12.09 16.91
C GLU B 111 21.82 12.16 17.07
N ALA B 112 21.09 11.83 16.01
CA ALA B 112 19.64 11.85 16.06
C ALA B 112 19.10 10.86 17.10
N PHE B 113 19.63 9.63 17.10
CA PHE B 113 19.11 8.59 17.99
C PHE B 113 19.38 8.97 19.44
N LYS B 114 20.52 9.62 19.70
CA LYS B 114 20.84 10.10 21.05
C LYS B 114 19.92 11.27 21.44
N LYS B 115 19.72 12.22 20.53
CA LYS B 115 18.88 13.36 20.83
C LYS B 115 17.44 12.90 21.12
N TYR B 116 16.94 11.98 20.30
CA TYR B 116 15.58 11.46 20.41
C TYR B 116 15.43 10.52 21.59
N GLY B 117 16.55 9.93 22.02
CA GLY B 117 16.57 8.97 23.12
C GLY B 117 16.04 7.59 22.76
N VAL B 118 16.37 7.08 21.58
CA VAL B 118 15.81 5.81 21.12
C VAL B 118 16.78 4.63 21.13
N GLY B 119 17.87 4.75 21.89
CA GLY B 119 18.97 3.80 21.83
C GLY B 119 18.70 2.48 22.51
N ASP B 120 17.81 2.52 23.50
CA ASP B 120 17.31 1.31 24.16
C ASP B 120 17.00 0.18 23.16
N ARG B 121 16.30 0.50 22.09
CA ARG B 121 15.86 -0.54 21.14
C ARG B 121 16.17 -0.27 19.67
N VAL B 122 16.77 0.88 19.34
CA VAL B 122 17.36 1.05 18.01
C VAL B 122 18.85 0.66 18.06
N LYS B 123 19.24 -0.35 17.29
CA LYS B 123 20.65 -0.71 17.17
C LYS B 123 21.13 -0.47 15.75
N LEU B 124 22.07 0.46 15.66
CA LEU B 124 22.69 0.86 14.43
C LEU B 124 23.94 0.03 14.23
N ILE B 125 23.99 -0.74 13.14
CA ILE B 125 25.13 -1.57 12.88
C ILE B 125 25.92 -1.03 11.70
N GLU B 126 27.22 -0.76 11.94
CA GLU B 126 28.06 -0.08 10.98
C GLU B 126 28.89 -1.01 10.12
N GLY B 127 28.89 -0.74 8.82
CA GLY B 127 29.77 -1.43 7.90
C GLY B 127 29.07 -1.74 6.60
N PRO B 128 29.80 -2.34 5.64
CA PRO B 128 29.16 -2.75 4.39
C PRO B 128 28.00 -3.70 4.68
N ALA B 129 26.80 -3.25 4.34
CA ALA B 129 25.59 -4.00 4.68
C ALA B 129 25.61 -5.39 4.08
N GLU B 130 26.26 -5.55 2.93
CA GLU B 130 26.46 -6.87 2.32
C GLU B 130 26.96 -7.86 3.34
N ASN B 131 27.94 -7.41 4.13
CA ASN B 131 28.63 -8.28 5.06
C ASN B 131 27.96 -8.32 6.42
N THR B 132 27.54 -7.16 6.92
CA THR B 132 26.95 -7.10 8.25
C THR B 132 25.60 -7.80 8.29
N LEU B 133 24.88 -7.75 7.18
CA LEU B 133 23.59 -8.41 7.10
C LEU B 133 23.73 -9.91 7.40
N LYS B 134 24.79 -10.52 6.88
CA LYS B 134 25.06 -11.95 7.07
C LYS B 134 25.38 -12.34 8.52
N THR B 135 25.79 -11.37 9.34
CA THR B 135 26.15 -11.62 10.74
C THR B 135 24.92 -11.67 11.65
N LEU B 136 23.79 -11.18 11.17
CA LEU B 136 22.58 -11.14 12.01
C LEU B 136 22.00 -12.55 12.29
N GLU B 137 21.40 -12.72 13.47
CA GLU B 137 20.74 -13.96 13.85
C GLU B 137 19.26 -13.72 14.15
N GLY B 138 18.50 -14.81 14.27
CA GLY B 138 17.08 -14.70 14.52
C GLY B 138 16.30 -14.33 13.28
N GLU B 139 15.11 -13.76 13.48
CA GLU B 139 14.27 -13.37 12.38
C GLU B 139 13.58 -12.04 12.68
N PHE B 140 13.09 -11.42 11.61
CA PHE B 140 12.44 -10.12 11.67
C PHE B 140 11.06 -10.19 11.03
N ASP B 141 10.11 -9.49 11.62
CA ASP B 141 8.73 -9.54 11.18
C ASP B 141 8.49 -8.50 10.08
N LEU B 142 9.37 -7.52 10.02
CA LEU B 142 9.25 -6.45 9.04
C LEU B 142 10.68 -6.04 8.67
N ILE B 143 10.94 -6.04 7.36
CA ILE B 143 12.27 -5.70 6.85
C ILE B 143 12.09 -4.57 5.84
N PHE B 144 12.84 -3.50 6.01
CA PHE B 144 12.71 -2.34 5.13
C PHE B 144 14.02 -2.11 4.39
N VAL B 145 13.95 -2.16 3.07
CA VAL B 145 15.16 -2.12 2.29
C VAL B 145 15.18 -0.86 1.49
N ASP B 146 16.13 0.05 1.78
CA ASP B 146 16.24 1.28 1.00
C ASP B 146 17.68 1.75 0.84
N ALA B 147 18.62 0.82 0.71
CA ALA B 147 20.04 1.18 0.70
C ALA B 147 20.49 1.36 -0.75
N ASN B 148 21.72 0.98 -1.07
CA ASN B 148 22.19 1.09 -2.44
C ASN B 148 21.38 0.21 -3.38
N LYS B 149 20.88 0.80 -4.47
CA LYS B 149 19.90 0.07 -5.31
C LYS B 149 20.55 -1.11 -6.04
N ASP B 150 21.83 -1.03 -6.38
CA ASP B 150 22.49 -2.17 -7.02
C ASP B 150 22.67 -3.32 -6.02
N GLY B 151 22.35 -3.06 -4.75
CA GLY B 151 22.46 -4.09 -3.73
C GLY B 151 21.20 -4.88 -3.41
N TYR B 152 20.03 -4.45 -3.89
CA TYR B 152 18.77 -5.04 -3.41
C TYR B 152 18.74 -6.55 -3.61
N ALA B 153 19.20 -7.01 -4.77
CA ALA B 153 19.10 -8.42 -5.09
C ALA B 153 19.89 -9.25 -4.07
N GLY B 154 21.09 -8.78 -3.73
CA GLY B 154 21.97 -9.49 -2.81
C GLY B 154 21.42 -9.45 -1.38
N TYR B 155 20.87 -8.32 -0.98
CA TYR B 155 20.25 -8.23 0.34
C TYR B 155 19.06 -9.22 0.49
N VAL B 156 18.16 -9.22 -0.48
CA VAL B 156 16.99 -10.09 -0.39
C VAL B 156 17.42 -11.56 -0.42
N LYS B 157 18.40 -11.89 -1.27
CA LYS B 157 18.88 -13.27 -1.31
C LYS B 157 19.46 -13.68 0.05
N THR B 158 20.25 -12.80 0.67
CA THR B 158 20.79 -13.12 1.98
C THR B 158 19.66 -13.33 2.99
N ILE B 159 18.70 -12.42 2.98
CA ILE B 159 17.57 -12.48 3.90
C ILE B 159 16.85 -13.83 3.76
N LEU B 160 16.56 -14.22 2.53
CA LEU B 160 15.80 -15.44 2.29
C LEU B 160 16.64 -16.66 2.60
N ASP B 161 17.87 -16.70 2.08
CA ASP B 161 18.73 -17.86 2.33
C ASP B 161 18.99 -18.12 3.81
N GLN B 162 19.14 -17.06 4.60
CA GLN B 162 19.49 -17.23 6.03
C GLN B 162 18.27 -17.26 6.90
N GLY B 163 17.10 -17.20 6.28
CA GLY B 163 15.85 -17.14 7.01
C GLY B 163 15.71 -15.99 7.98
N LEU B 164 16.15 -14.81 7.58
CA LEU B 164 16.03 -13.59 8.41
C LEU B 164 14.61 -13.02 8.42
N LEU B 165 13.80 -13.45 7.46
CA LEU B 165 12.39 -13.07 7.42
C LEU B 165 11.52 -14.11 8.13
N SER B 166 10.74 -13.70 9.13
CA SER B 166 9.86 -14.65 9.83
C SER B 166 8.80 -15.23 8.88
N ALA B 167 8.20 -16.34 9.28
CA ALA B 167 7.16 -17.00 8.48
C ALA B 167 6.04 -16.03 8.08
N ASN B 168 5.57 -15.20 9.02
CA ASN B 168 4.49 -14.26 8.72
C ASN B 168 4.97 -12.82 8.41
N GLY B 169 6.25 -12.65 8.15
CA GLY B 169 6.82 -11.33 7.95
C GLY B 169 6.68 -10.80 6.53
N ILE B 170 7.18 -9.58 6.33
CA ILE B 170 7.14 -8.97 5.03
C ILE B 170 8.44 -8.18 4.83
N ILE B 171 8.94 -8.19 3.60
CA ILE B 171 9.99 -7.27 3.18
C ILE B 171 9.36 -6.18 2.34
N LEU B 172 9.68 -4.93 2.68
CA LEU B 172 9.28 -3.78 1.88
C LEU B 172 10.54 -3.13 1.26
N CYS B 173 10.66 -3.18 -0.07
CA CYS B 173 11.78 -2.53 -0.74
C CYS B 173 11.30 -1.22 -1.34
N ASP B 174 12.01 -0.13 -1.04
CA ASP B 174 11.57 1.21 -1.42
C ASP B 174 12.30 1.73 -2.68
N ASN B 175 11.69 2.69 -3.37
CA ASN B 175 12.34 3.36 -4.51
C ASN B 175 12.60 2.46 -5.72
N VAL B 176 11.82 1.42 -5.84
CA VAL B 176 12.03 0.41 -6.85
C VAL B 176 11.81 0.96 -8.26
N PHE B 177 11.09 2.08 -8.36
CA PHE B 177 10.79 2.68 -9.68
C PHE B 177 11.92 3.57 -10.22
N ALA B 178 12.84 3.98 -9.34
CA ALA B 178 13.92 4.91 -9.76
C ALA B 178 13.33 6.11 -10.53
N ARG B 179 12.25 6.70 -9.98
CA ARG B 179 11.55 7.86 -10.56
C ARG B 179 10.78 7.53 -11.83
N GLY B 180 10.75 6.24 -12.19
CA GLY B 180 10.10 5.76 -13.40
C GLY B 180 11.15 5.13 -14.32
N LEU B 181 12.42 5.41 -14.08
CA LEU B 181 13.46 5.01 -15.02
C LEU B 181 13.73 3.51 -14.95
N THR B 182 13.24 2.85 -13.90
CA THR B 182 13.29 1.37 -13.84
C THR B 182 12.53 0.77 -15.03
N ILE B 183 11.42 1.40 -15.38
CA ILE B 183 10.53 0.90 -16.43
C ILE B 183 11.11 1.26 -17.80
N GLY B 184 11.68 2.44 -17.92
CA GLY B 184 12.37 2.78 -19.16
C GLY B 184 12.87 4.21 -19.19
N PRO B 185 13.80 4.54 -20.10
CA PRO B 185 14.50 5.83 -20.02
C PRO B 185 13.58 7.00 -20.30
N ASP B 186 12.41 6.75 -20.91
CA ASP B 186 11.56 7.86 -21.34
C ASP B 186 10.42 8.07 -20.36
N CYS B 187 10.50 7.39 -19.23
CA CYS B 187 9.40 7.37 -18.27
C CYS B 187 9.43 8.44 -17.20
N ALA B 188 10.39 9.36 -17.27
CA ALA B 188 10.48 10.43 -16.30
C ALA B 188 10.95 11.74 -16.93
N PRO B 189 10.18 12.29 -17.87
CA PRO B 189 10.72 13.47 -18.57
C PRO B 189 10.85 14.71 -17.68
N TRP B 190 10.18 14.70 -16.54
CA TRP B 190 10.23 15.86 -15.64
C TRP B 190 11.51 15.91 -14.79
N LEU B 191 12.22 14.80 -14.73
CA LEU B 191 13.33 14.66 -13.79
C LEU B 191 14.47 15.61 -14.15
N ASN B 192 15.04 16.23 -13.12
CA ASN B 192 16.25 17.03 -13.23
C ASN B 192 17.37 16.24 -13.92
N ASP B 193 17.87 16.75 -15.04
CA ASP B 193 18.92 16.07 -15.81
C ASP B 193 20.19 15.83 -15.02
N HIS B 194 20.44 16.62 -13.99
CA HIS B 194 21.68 16.46 -13.22
C HIS B 194 21.63 15.19 -12.35
N VAL B 195 20.43 14.69 -12.05
CA VAL B 195 20.34 13.42 -11.34
C VAL B 195 19.88 12.26 -12.24
N ARG B 196 19.63 12.54 -13.50
CA ARG B 196 19.08 11.52 -14.40
C ARG B 196 20.05 10.33 -14.66
N PRO B 197 21.35 10.61 -14.93
CA PRO B 197 22.29 9.48 -15.04
C PRO B 197 22.26 8.61 -13.80
N TYR B 198 22.24 9.22 -12.61
CA TYR B 198 22.16 8.45 -11.39
C TYR B 198 20.93 7.56 -11.37
N TRP B 199 19.75 8.11 -11.61
CA TRP B 199 18.53 7.28 -11.45
C TRP B 199 18.40 6.26 -12.59
N ASN B 200 18.93 6.58 -13.75
CA ASN B 200 18.93 5.63 -14.86
C ASN B 200 19.75 4.40 -14.47
N GLY B 201 20.92 4.63 -13.87
CA GLY B 201 21.76 3.54 -13.37
C GLY B 201 21.01 2.71 -12.31
N CYS B 202 20.36 3.37 -11.37
CA CYS B 202 19.56 2.67 -10.38
C CYS B 202 18.46 1.87 -11.08
N GLY B 203 17.81 2.47 -12.07
CA GLY B 203 16.68 1.84 -12.76
C GLY B 203 17.10 0.52 -13.40
N GLN B 204 18.28 0.50 -14.05
CA GLN B 204 18.79 -0.73 -14.65
C GLN B 204 18.95 -1.81 -13.59
N ALA B 205 19.56 -1.46 -12.48
CA ALA B 205 19.80 -2.44 -11.42
C ALA B 205 18.47 -2.95 -10.85
N LEU B 206 17.49 -2.05 -10.73
CA LEU B 206 16.21 -2.40 -10.08
C LEU B 206 15.33 -3.21 -11.02
N ASP B 207 15.55 -3.06 -12.31
CA ASP B 207 14.83 -3.87 -13.28
C ASP B 207 15.33 -5.30 -13.18
N LYS B 208 16.65 -5.44 -13.12
CA LYS B 208 17.23 -6.76 -12.98
C LYS B 208 16.81 -7.37 -11.62
N PHE B 209 16.76 -6.55 -10.58
CA PHE B 209 16.25 -6.97 -9.27
C PHE B 209 14.80 -7.49 -9.34
N SER B 210 13.92 -6.69 -9.90
CA SER B 210 12.51 -7.06 -10.03
C SER B 210 12.33 -8.35 -10.85
N ALA B 211 12.99 -8.46 -12.00
CA ALA B 211 12.92 -9.68 -12.79
C ALA B 211 13.40 -10.88 -12.00
N GLY B 212 14.46 -10.69 -11.22
CA GLY B 212 15.06 -11.80 -10.50
C GLY B 212 14.14 -12.32 -9.40
N LEU B 213 13.40 -11.43 -8.76
CA LEU B 213 12.43 -11.82 -7.73
C LEU B 213 11.38 -12.76 -8.30
N MET B 214 11.02 -12.55 -9.55
CA MET B 214 10.00 -13.39 -10.17
C MET B 214 10.51 -14.81 -10.46
N GLU B 215 11.82 -15.01 -10.40
CA GLU B 215 12.38 -16.34 -10.63
C GLU B 215 12.58 -17.17 -9.35
N ASP B 216 12.30 -16.58 -8.18
CA ASP B 216 12.53 -17.26 -6.90
C ASP B 216 11.25 -17.97 -6.46
N PRO B 217 11.26 -19.31 -6.45
CA PRO B 217 10.02 -20.01 -6.15
C PRO B 217 9.60 -19.90 -4.68
N ARG B 218 10.42 -19.28 -3.83
CA ARG B 218 10.15 -19.33 -2.39
C ARG B 218 9.23 -18.22 -1.92
N ILE B 219 9.00 -17.22 -2.77
CA ILE B 219 8.34 -15.99 -2.35
C ILE B 219 7.11 -15.61 -3.20
N ASP B 220 6.23 -14.81 -2.59
CA ASP B 220 5.19 -14.08 -3.29
C ASP B 220 5.66 -12.66 -3.39
N VAL B 221 5.40 -12.03 -4.53
CA VAL B 221 5.96 -10.72 -4.81
C VAL B 221 4.87 -9.79 -5.33
N LEU B 222 4.80 -8.59 -4.77
CA LEU B 222 3.93 -7.58 -5.35
C LEU B 222 4.63 -6.23 -5.49
N LEU B 223 4.75 -5.72 -6.71
CA LEU B 223 5.32 -4.38 -6.90
C LEU B 223 4.16 -3.37 -6.88
N LEU B 224 4.08 -2.64 -5.77
CA LEU B 224 2.96 -1.71 -5.57
C LEU B 224 3.29 -0.30 -6.10
N PRO B 225 2.45 0.25 -7.01
CA PRO B 225 2.74 1.55 -7.62
C PRO B 225 2.40 2.73 -6.68
N VAL B 226 3.09 2.81 -5.55
CA VAL B 226 2.84 3.86 -4.55
C VAL B 226 4.18 4.50 -4.26
N PHE B 227 4.20 5.79 -3.92
CA PHE B 227 5.45 6.57 -3.70
C PHE B 227 6.43 6.38 -4.89
N ASP B 228 7.67 5.97 -4.64
CA ASP B 228 8.61 5.71 -5.74
C ASP B 228 8.74 4.24 -6.07
N GLY B 229 7.65 3.49 -5.85
CA GLY B 229 7.62 2.08 -6.19
C GLY B 229 7.98 1.25 -4.96
N VAL B 230 7.03 0.45 -4.44
CA VAL B 230 7.36 -0.30 -3.23
C VAL B 230 7.17 -1.78 -3.49
N THR B 231 8.23 -2.58 -3.40
CA THR B 231 8.03 -4.01 -3.58
C THR B 231 7.77 -4.70 -2.24
N GLN B 232 6.63 -5.40 -2.17
CA GLN B 232 6.31 -6.27 -1.05
C GLN B 232 6.72 -7.74 -1.34
N ILE B 233 7.45 -8.34 -0.38
CA ILE B 233 7.86 -9.74 -0.49
C ILE B 233 7.49 -10.53 0.77
N ARG B 234 6.95 -11.72 0.56
CA ARG B 234 6.68 -12.61 1.68
C ARG B 234 6.99 -14.01 1.21
N TRP B 235 7.11 -14.89 2.19
CA TRP B 235 7.26 -16.31 1.91
C TRP B 235 6.01 -16.85 1.27
N LYS B 236 6.20 -17.70 0.25
CA LYS B 236 5.10 -18.34 -0.43
C LYS B 236 4.48 -19.39 0.51
N ASP B 237 3.17 -19.49 0.55
CA ASP B 237 2.54 -20.46 1.44
C ASP B 237 2.77 -21.88 0.90
N GLY B 238 3.38 -22.73 1.73
CA GLY B 238 3.77 -22.38 3.08
C GLY B 238 4.38 -23.56 3.82
#